data_4XTY
#
_entry.id   4XTY
#
_cell.length_a   63.408
_cell.length_b   68.731
_cell.length_c   114.488
_cell.angle_alpha   90.0
_cell.angle_beta   90.0
_cell.angle_gamma   90.0
#
_symmetry.space_group_name_H-M   'P 21 21 21'
#
loop_
_entity.id
_entity.type
_entity.pdbx_description
1 polymer 'Bifunctional ligase/repressor BirA'
2 non-polymer "2',5'-dideoxy-2'-fluoro-5'-[({5-[(3aS,4S,6aR)-2-oxohexahydro-1H-thieno[3,4-d]imidazol-4-yl]pentanoyl}sulfamoyl)amino]adenosine"
3 water water
#
_entity_poly.entity_id   1
_entity_poly.type   'polypeptide(L)'
_entity_poly.pdbx_seq_one_letter_code
;GSHMVTDRDRLRPPLDERSLRDQLIGAGSGWRQLDVVAQTGSTNADLLARAASGADIDGVVLIAEHQTAGRGRHGRGWAA
TARAQIILSVGVRVVDVPVQAWGWLSLAAGLAVLDSVAPLIAVPPAETGLKWPNDVLARGGKLAGILAEVAQPFVVLGVG
LNVTQAPEEVDPDATSLLDLGVAAPDRNRIASRLLRELEARIIQWRNANPQLAADYRARSLTIGSRVRVELPGGQDVVGI
ARDIDDQGRLCLDVGGRTVVVSAGDVVHLR
;
_entity_poly.pdbx_strand_id   A,B
#
loop_
_chem_comp.id
_chem_comp.type
_chem_comp.name
_chem_comp.formula
44L non-polymer 2',5'-dideoxy-2'-fluoro-5'-[({5-[(3aS,4S,6aR)-2-oxohexahydro-1H-thieno[3,4-d]imidazol-4-yl]pentanoyl}sulfamoyl)amino]adenosine 'C20 H28 F N9 O6 S2'
#
# COMPACT_ATOMS: atom_id res chain seq x y z
N THR A 6 6.11 38.60 25.27
CA THR A 6 7.06 39.34 26.10
C THR A 6 7.24 38.68 27.45
N ASP A 7 6.12 38.36 28.10
CA ASP A 7 6.14 37.72 29.41
C ASP A 7 6.69 36.29 29.34
N ARG A 8 6.59 35.66 28.18
CA ARG A 8 7.11 34.30 28.06
C ARG A 8 8.63 34.28 28.05
N ASP A 9 9.26 35.41 27.72
CA ASP A 9 10.73 35.47 27.72
C ASP A 9 11.28 35.08 29.10
N ARG A 10 10.58 35.47 30.16
CA ARG A 10 10.97 35.14 31.52
C ARG A 10 10.88 33.65 31.80
N LEU A 11 10.12 32.95 30.97
CA LEU A 11 9.90 31.52 31.13
C LEU A 11 10.83 30.73 30.23
N ARG A 12 11.82 31.41 29.65
CA ARG A 12 12.72 30.81 28.67
C ARG A 12 14.22 30.96 29.00
N PRO A 13 14.66 30.38 30.14
CA PRO A 13 16.10 30.40 30.43
C PRO A 13 16.88 29.59 29.40
N PRO A 14 18.18 29.85 29.27
CA PRO A 14 18.93 29.07 28.29
C PRO A 14 19.14 27.62 28.73
N LEU A 15 19.46 26.76 27.76
CA LEU A 15 19.85 25.39 28.06
C LEU A 15 21.20 25.37 28.74
N ASP A 16 21.42 24.34 29.55
CA ASP A 16 22.69 24.08 30.20
C ASP A 16 23.43 22.95 29.48
N GLU A 17 24.30 23.29 28.53
CA GLU A 17 25.05 22.30 27.76
C GLU A 17 25.89 21.34 28.60
N ARG A 18 26.65 21.89 29.54
CA ARG A 18 27.50 21.08 30.40
C ARG A 18 26.69 20.03 31.16
N SER A 19 25.54 20.44 31.68
CA SER A 19 24.67 19.50 32.40
C SER A 19 24.14 18.39 31.48
N LEU A 20 23.67 18.76 30.29
CA LEU A 20 23.16 17.78 29.33
C LEU A 20 24.24 16.78 28.95
N ARG A 21 25.45 17.26 28.71
CA ARG A 21 26.56 16.38 28.39
C ARG A 21 26.84 15.41 29.53
N ASP A 22 26.87 15.95 30.74
CA ASP A 22 27.06 15.14 31.94
C ASP A 22 26.03 14.02 32.03
N GLN A 23 24.77 14.33 31.74
CA GLN A 23 23.71 13.34 31.86
C GLN A 23 23.71 12.32 30.73
N LEU A 24 24.07 12.76 29.52
CA LEU A 24 23.78 11.98 28.32
C LEU A 24 24.97 11.34 27.62
N ILE A 25 26.18 11.74 27.98
CA ILE A 25 27.36 11.19 27.35
C ILE A 25 28.18 10.46 28.39
N GLY A 26 28.39 9.17 28.16
CA GLY A 26 29.17 8.35 29.06
C GLY A 26 28.65 6.93 29.10
N ALA A 27 29.07 6.17 30.11
CA ALA A 27 28.71 4.77 30.18
C ALA A 27 27.20 4.56 30.20
N GLY A 28 26.74 3.56 29.45
CA GLY A 28 25.33 3.24 29.39
C GLY A 28 24.53 4.09 28.42
N SER A 29 25.17 5.11 27.83
CA SER A 29 24.52 5.95 26.84
C SER A 29 25.16 5.79 25.45
N GLY A 30 24.32 5.81 24.43
CA GLY A 30 24.77 5.72 23.05
C GLY A 30 25.16 7.06 22.44
N TRP A 31 24.81 8.16 23.12
CA TRP A 31 25.13 9.47 22.57
C TRP A 31 26.61 9.75 22.70
N ARG A 32 27.23 10.16 21.61
CA ARG A 32 28.69 10.31 21.56
C ARG A 32 29.14 11.75 21.67
N GLN A 33 28.27 12.67 21.25
CA GLN A 33 28.63 14.08 21.18
C GLN A 33 27.37 14.90 21.32
N LEU A 34 27.45 16.00 22.06
CA LEU A 34 26.30 16.89 22.17
C LEU A 34 26.79 18.33 22.20
N ASP A 35 26.21 19.14 21.33
CA ASP A 35 26.45 20.58 21.32
C ASP A 35 25.15 21.38 21.35
N VAL A 36 25.16 22.46 22.11
CA VAL A 36 24.08 23.44 22.06
C VAL A 36 24.64 24.69 21.37
N VAL A 37 24.02 25.10 20.26
CA VAL A 37 24.45 26.32 19.57
C VAL A 37 23.42 27.41 19.80
N ALA A 38 23.88 28.66 19.84
CA ALA A 38 22.97 29.77 20.08
C ALA A 38 21.98 29.90 18.92
N GLN A 39 22.44 29.67 17.70
CA GLN A 39 21.60 29.91 16.54
C GLN A 39 22.11 29.18 15.32
N THR A 40 21.19 28.73 14.49
CA THR A 40 21.57 28.22 13.19
C THR A 40 20.39 28.36 12.24
N GLY A 41 20.63 28.10 10.96
CA GLY A 41 19.56 28.10 9.97
C GLY A 41 18.70 26.86 10.13
N SER A 42 19.34 25.69 10.22
CA SER A 42 18.61 24.43 10.39
C SER A 42 19.54 23.37 10.98
N THR A 43 19.18 22.84 12.14
CA THR A 43 19.99 21.79 12.76
C THR A 43 20.10 20.58 11.84
N ASN A 44 19.02 20.29 11.10
CA ASN A 44 19.06 19.16 10.15
C ASN A 44 20.08 19.41 9.05
N ALA A 45 20.04 20.62 8.47
CA ALA A 45 21.00 20.98 7.43
C ALA A 45 22.44 20.88 7.95
N ASP A 46 22.63 21.31 9.20
CA ASP A 46 23.98 21.33 9.77
C ASP A 46 24.54 19.93 9.91
N LEU A 47 23.76 18.98 10.44
CA LEU A 47 24.26 17.61 10.60
C LEU A 47 24.45 16.93 9.24
N LEU A 48 23.57 17.23 8.30
CA LEU A 48 23.71 16.72 6.94
C LEU A 48 25.02 17.20 6.33
N ALA A 49 25.35 18.47 6.56
CA ALA A 49 26.59 19.04 6.03
C ALA A 49 27.83 18.40 6.68
N ARG A 50 27.76 18.15 7.98
CA ARG A 50 28.85 17.43 8.64
C ARG A 50 29.08 16.07 8.00
N ALA A 51 27.98 15.35 7.77
CA ALA A 51 28.07 14.02 7.17
C ALA A 51 28.62 14.11 5.75
N ALA A 52 28.23 15.15 5.04
CA ALA A 52 28.63 15.32 3.65
C ALA A 52 30.13 15.59 3.55
N SER A 53 30.72 16.11 4.63
CA SER A 53 32.15 16.38 4.62
C SER A 53 32.94 15.30 5.35
N GLY A 54 32.30 14.17 5.59
CA GLY A 54 32.99 12.97 6.04
C GLY A 54 32.87 12.61 7.51
N ALA A 55 32.18 13.42 8.30
CA ALA A 55 32.05 13.19 9.74
C ALA A 55 31.20 11.96 10.06
N ASP A 56 31.57 11.24 11.12
CA ASP A 56 30.72 10.17 11.62
C ASP A 56 29.67 10.81 12.53
N ILE A 57 28.43 10.93 12.06
CA ILE A 57 27.43 11.60 12.89
C ILE A 57 26.53 10.62 13.66
N ASP A 58 26.86 9.33 13.66
CA ASP A 58 26.06 8.38 14.45
C ASP A 58 26.15 8.73 15.94
N GLY A 59 24.99 8.90 16.58
CA GLY A 59 24.99 9.25 17.98
C GLY A 59 25.37 10.69 18.28
N VAL A 60 25.38 11.52 17.25
CA VAL A 60 25.73 12.91 17.46
C VAL A 60 24.46 13.73 17.64
N VAL A 61 24.47 14.62 18.63
CA VAL A 61 23.31 15.47 18.94
C VAL A 61 23.64 16.95 18.76
N LEU A 62 22.80 17.66 18.02
CA LEU A 62 22.93 19.10 17.87
C LEU A 62 21.65 19.77 18.29
N ILE A 63 21.72 20.66 19.27
CA ILE A 63 20.57 21.41 19.77
C ILE A 63 20.79 22.88 19.47
N ALA A 64 19.76 23.55 18.95
CA ALA A 64 19.85 24.99 18.73
C ALA A 64 18.86 25.73 19.61
N GLU A 65 19.32 26.81 20.25
CA GLU A 65 18.45 27.67 21.02
C GLU A 65 17.45 28.40 20.12
N HIS A 66 17.92 28.76 18.92
CA HIS A 66 17.10 29.45 17.93
C HIS A 66 17.42 28.90 16.55
N GLN A 67 16.43 28.86 15.68
CA GLN A 67 16.60 28.31 14.35
C GLN A 67 15.89 29.20 13.34
N THR A 68 16.63 29.73 12.36
CA THR A 68 16.10 30.83 11.55
C THR A 68 15.60 30.45 10.16
N ALA A 69 15.97 29.25 9.69
CA ALA A 69 15.52 28.76 8.39
C ALA A 69 15.11 27.29 8.51
N GLY A 70 14.28 27.02 9.52
CA GLY A 70 13.89 25.65 9.81
C GLY A 70 13.15 25.01 8.65
N ARG A 71 13.27 23.70 8.56
CA ARG A 71 12.67 22.95 7.48
C ARG A 71 11.57 22.04 7.99
N GLY A 72 10.47 22.02 7.25
CA GLY A 72 9.44 21.02 7.47
C GLY A 72 9.49 19.98 6.37
N ARG A 73 8.51 19.09 6.36
CA ARG A 73 8.46 18.07 5.33
C ARG A 73 8.13 18.67 3.96
N HIS A 74 8.60 17.95 2.94
CA HIS A 74 8.45 18.28 1.51
C HIS A 74 8.38 19.78 1.19
N GLY A 75 9.44 20.48 1.55
CA GLY A 75 9.63 21.85 1.12
C GLY A 75 9.06 22.90 2.04
N ARG A 76 8.35 22.50 3.08
CA ARG A 76 7.73 23.48 3.94
C ARG A 76 8.72 23.97 4.97
N GLY A 77 8.32 24.97 5.73
CA GLY A 77 9.19 25.59 6.73
C GLY A 77 8.87 25.15 8.14
N TRP A 78 9.71 25.56 9.08
CA TRP A 78 9.44 25.39 10.52
C TRP A 78 9.82 26.68 11.19
N ALA A 79 8.88 27.25 11.94
CA ALA A 79 9.09 28.56 12.56
C ALA A 79 9.45 28.43 14.03
N ALA A 80 10.31 29.31 14.50
CA ALA A 80 10.73 29.31 15.89
C ALA A 80 11.14 30.69 16.34
N THR A 81 11.07 30.92 17.65
CA THR A 81 11.74 32.07 18.25
C THR A 81 12.66 31.54 19.34
N ALA A 82 13.61 32.37 19.76
CA ALA A 82 14.67 31.92 20.65
C ALA A 82 14.17 31.35 21.97
N ARG A 83 14.71 30.18 22.31
CA ARG A 83 14.53 29.51 23.59
C ARG A 83 13.09 29.05 23.88
N ALA A 84 12.22 29.06 22.86
CA ALA A 84 10.81 28.68 23.02
C ALA A 84 10.56 27.20 22.73
N GLN A 85 11.51 26.55 22.06
CA GLN A 85 11.39 25.16 21.67
C GLN A 85 12.58 24.34 22.10
N ILE A 86 12.43 23.03 22.08
CA ILE A 86 13.60 22.16 21.96
C ILE A 86 13.75 21.84 20.49
N ILE A 87 14.86 22.31 19.92
CA ILE A 87 15.15 22.20 18.50
C ILE A 87 16.39 21.35 18.36
N LEU A 88 16.26 20.11 17.88
CA LEU A 88 17.45 19.30 17.80
C LEU A 88 17.43 18.33 16.65
N SER A 89 18.64 17.87 16.32
CA SER A 89 18.84 16.85 15.31
C SER A 89 19.80 15.82 15.88
N VAL A 90 19.59 14.56 15.50
CA VAL A 90 20.53 13.50 15.86
C VAL A 90 20.88 12.72 14.60
N GLY A 91 22.07 12.13 14.58
CA GLY A 91 22.50 11.28 13.47
C GLY A 91 22.32 9.82 13.82
N VAL A 92 21.83 9.05 12.86
CA VAL A 92 21.59 7.63 13.05
C VAL A 92 22.20 6.87 11.88
N ARG A 93 23.16 5.98 12.15
CA ARG A 93 23.63 5.09 11.08
C ARG A 93 22.52 4.09 10.72
N VAL A 94 22.17 4.02 9.43
CA VAL A 94 21.04 3.19 9.00
C VAL A 94 21.39 2.12 7.96
N VAL A 95 22.62 2.13 7.47
CA VAL A 95 22.99 1.33 6.31
C VAL A 95 22.93 -0.18 6.62
N ASP A 96 23.02 -0.50 7.91
CA ASP A 96 22.90 -1.88 8.39
C ASP A 96 21.47 -2.42 8.40
N VAL A 97 20.49 -1.53 8.24
CA VAL A 97 19.08 -1.89 8.29
C VAL A 97 18.50 -1.81 6.88
N PRO A 98 17.69 -2.82 6.49
CA PRO A 98 17.11 -2.79 5.14
C PRO A 98 16.31 -1.51 4.91
N VAL A 99 16.43 -0.96 3.71
CA VAL A 99 15.86 0.32 3.37
C VAL A 99 14.35 0.34 3.56
N GLN A 100 13.72 -0.83 3.42
CA GLN A 100 12.26 -0.93 3.60
C GLN A 100 11.82 -0.50 4.99
N ALA A 101 12.73 -0.60 5.96
CA ALA A 101 12.36 -0.38 7.35
C ALA A 101 12.63 1.05 7.83
N TRP A 102 13.25 1.88 6.99
CA TRP A 102 13.71 3.19 7.43
C TRP A 102 12.54 4.12 7.80
N GLY A 103 11.38 3.91 7.20
CA GLY A 103 10.20 4.71 7.52
C GLY A 103 9.85 4.68 8.99
N TRP A 104 10.12 3.55 9.64
CA TRP A 104 9.73 3.37 11.02
C TRP A 104 10.59 4.20 11.97
N LEU A 105 11.77 4.60 11.50
CA LEU A 105 12.65 5.43 12.31
C LEU A 105 11.95 6.74 12.69
N SER A 106 11.26 7.35 11.74
CA SER A 106 10.53 8.60 12.00
C SER A 106 9.31 8.43 12.92
N LEU A 107 8.59 7.34 12.77
CA LEU A 107 7.48 7.03 13.67
C LEU A 107 8.02 6.84 15.08
N ALA A 108 9.17 6.18 15.17
CA ALA A 108 9.81 5.90 16.46
C ALA A 108 10.16 7.21 17.17
N ALA A 109 10.63 8.18 16.40
CA ALA A 109 11.01 9.46 16.95
C ALA A 109 9.80 10.18 17.57
N GLY A 110 8.64 10.11 16.92
CA GLY A 110 7.45 10.76 17.42
C GLY A 110 7.02 10.16 18.74
N LEU A 111 7.09 8.84 18.80
CA LEU A 111 6.77 8.12 20.01
C LEU A 111 7.68 8.58 21.16
N ALA A 112 8.97 8.68 20.88
CA ALA A 112 9.93 9.16 21.88
C ALA A 112 9.59 10.57 22.37
N VAL A 113 9.25 11.47 21.46
CA VAL A 113 8.89 12.82 21.87
C VAL A 113 7.62 12.83 22.72
N LEU A 114 6.58 12.13 22.26
CA LEU A 114 5.34 12.07 23.02
C LEU A 114 5.59 11.53 24.43
N ASP A 115 6.32 10.42 24.51
CA ASP A 115 6.53 9.81 25.83
C ASP A 115 7.36 10.71 26.75
N SER A 116 8.18 11.58 26.18
CA SER A 116 9.02 12.45 27.00
C SER A 116 8.23 13.58 27.65
N VAL A 117 7.06 13.92 27.10
CA VAL A 117 6.32 15.04 27.69
C VAL A 117 4.95 14.67 28.25
N ALA A 118 4.41 13.54 27.81
CA ALA A 118 3.03 13.17 28.14
C ALA A 118 2.72 13.26 29.63
N PRO A 119 3.65 12.84 30.50
CA PRO A 119 3.31 12.95 31.92
C PRO A 119 3.15 14.38 32.43
N LEU A 120 3.75 15.36 31.74
CA LEU A 120 3.82 16.72 32.29
C LEU A 120 2.46 17.41 32.35
N ILE A 121 1.56 16.98 31.49
CA ILE A 121 0.19 17.44 31.53
C ILE A 121 -0.57 16.87 32.73
N ALA A 122 -1.31 17.72 33.44
CA ALA A 122 -2.12 17.29 34.58
C ALA A 122 -3.17 16.25 34.16
N VAL A 123 -4.14 16.65 33.34
CA VAL A 123 -5.02 15.68 32.70
C VAL A 123 -4.86 15.73 31.19
N PRO A 124 -4.66 14.55 30.57
CA PRO A 124 -4.64 14.40 29.12
C PRO A 124 -5.88 14.98 28.45
N PRO A 125 -5.76 16.13 27.77
CA PRO A 125 -6.94 16.61 27.03
C PRO A 125 -7.23 15.67 25.85
N ALA A 126 -8.43 15.76 25.29
CA ALA A 126 -8.82 14.92 24.16
C ALA A 126 -7.87 15.14 22.99
N GLU A 127 -7.64 14.09 22.21
CA GLU A 127 -6.74 14.14 21.06
C GLU A 127 -5.30 14.46 21.49
N THR A 128 -4.74 13.63 22.36
CA THR A 128 -3.31 13.64 22.70
C THR A 128 -2.59 12.34 22.29
N GLY A 129 -1.62 12.44 21.39
CA GLY A 129 -1.04 11.26 20.80
C GLY A 129 -0.36 11.58 19.48
N LEU A 130 -0.26 10.58 18.61
CA LEU A 130 0.49 10.72 17.36
C LEU A 130 -0.40 10.75 16.14
N LYS A 131 -0.20 11.75 15.30
CA LYS A 131 -0.88 11.82 14.02
C LYS A 131 0.11 11.39 12.95
N TRP A 132 -0.28 10.42 12.14
CA TRP A 132 0.65 9.87 11.13
C TRP A 132 1.01 10.99 10.15
N PRO A 133 2.30 11.10 9.75
CA PRO A 133 3.46 10.25 10.05
C PRO A 133 4.50 10.88 10.98
N ASN A 134 4.30 12.12 11.40
CA ASN A 134 5.40 12.85 12.03
C ASN A 134 4.93 13.90 13.02
N ASP A 135 3.74 13.73 13.58
CA ASP A 135 3.16 14.80 14.41
C ASP A 135 2.79 14.37 15.81
N VAL A 136 3.19 15.17 16.79
CA VAL A 136 2.75 14.94 18.15
C VAL A 136 1.64 15.97 18.38
N LEU A 137 0.44 15.48 18.67
CA LEU A 137 -0.72 16.35 18.89
C LEU A 137 -1.16 16.34 20.34
N ALA A 138 -1.69 17.47 20.79
CA ALA A 138 -2.30 17.53 22.10
C ALA A 138 -3.47 18.49 22.03
N ARG A 139 -4.64 18.04 22.44
CA ARG A 139 -5.84 18.89 22.40
C ARG A 139 -6.05 19.37 20.95
N GLY A 140 -5.68 18.54 19.98
CA GLY A 140 -5.85 18.87 18.58
C GLY A 140 -4.80 19.79 17.99
N GLY A 141 -3.89 20.29 18.81
CA GLY A 141 -2.87 21.21 18.34
C GLY A 141 -1.56 20.51 18.09
N LYS A 142 -0.73 21.06 17.21
CA LYS A 142 0.54 20.42 16.91
C LYS A 142 1.63 20.86 17.90
N LEU A 143 2.02 19.92 18.75
CA LEU A 143 2.98 20.14 19.82
C LEU A 143 4.42 19.95 19.35
N ALA A 144 4.62 19.03 18.40
CA ALA A 144 5.95 18.77 17.86
C ALA A 144 5.87 18.24 16.44
N GLY A 145 6.89 18.57 15.65
CA GLY A 145 7.02 18.04 14.31
C GLY A 145 8.36 17.37 14.12
N ILE A 146 8.39 16.32 13.32
CA ILE A 146 9.57 15.51 13.14
C ILE A 146 9.95 15.44 11.66
N LEU A 147 11.25 15.54 11.38
CA LEU A 147 11.73 15.49 10.01
C LEU A 147 12.93 14.56 9.88
N ALA A 148 12.81 13.56 9.00
CA ALA A 148 13.90 12.62 8.76
C ALA A 148 14.46 12.87 7.37
N GLU A 149 15.78 12.99 7.29
CA GLU A 149 16.44 13.23 6.01
C GLU A 149 17.62 12.28 5.84
N VAL A 150 17.83 11.83 4.62
CA VAL A 150 18.88 10.83 4.37
C VAL A 150 20.19 11.46 3.94
N ALA A 151 21.28 10.98 4.52
CA ALA A 151 22.64 11.26 4.06
C ALA A 151 23.47 10.01 4.30
N GLN A 152 23.41 9.07 3.35
CA GLN A 152 24.07 7.77 3.47
C GLN A 152 25.48 7.91 3.99
N PRO A 153 25.85 7.05 4.97
CA PRO A 153 25.08 5.94 5.53
C PRO A 153 24.12 6.31 6.68
N PHE A 154 23.73 7.57 6.77
CA PHE A 154 22.95 8.05 7.91
C PHE A 154 21.54 8.51 7.58
N VAL A 155 20.72 8.60 8.63
CA VAL A 155 19.52 9.43 8.59
C VAL A 155 19.74 10.51 9.65
N VAL A 156 19.36 11.74 9.33
CA VAL A 156 19.31 12.81 10.32
C VAL A 156 17.86 12.98 10.75
N LEU A 157 17.60 12.82 12.05
CA LEU A 157 16.27 12.94 12.65
C LEU A 157 16.19 14.29 13.32
N GLY A 158 15.22 15.11 12.94
CA GLY A 158 15.08 16.43 13.52
C GLY A 158 13.78 16.54 14.29
N VAL A 159 13.85 17.18 15.46
CA VAL A 159 12.67 17.38 16.30
C VAL A 159 12.51 18.85 16.63
N GLY A 160 11.31 19.38 16.41
CA GLY A 160 10.99 20.72 16.86
C GLY A 160 9.85 20.56 17.85
N LEU A 161 10.11 20.82 19.13
CA LEU A 161 9.08 20.61 20.16
C LEU A 161 8.71 21.93 20.81
N ASN A 162 7.44 22.32 20.74
CA ASN A 162 7.00 23.61 21.29
C ASN A 162 6.89 23.54 22.80
N VAL A 163 7.77 24.24 23.51
CA VAL A 163 7.80 24.16 24.97
C VAL A 163 7.03 25.36 25.53
N THR A 164 7.49 26.56 25.23
CA THR A 164 6.72 27.77 25.56
C THR A 164 6.31 28.57 24.33
N GLN A 165 6.54 28.01 23.14
CA GLN A 165 6.25 28.69 21.88
C GLN A 165 4.77 29.00 21.74
N ALA A 166 4.40 30.28 21.61
CA ALA A 166 2.98 30.63 21.43
C ALA A 166 2.53 30.37 20.01
N PRO A 167 1.30 29.86 19.83
CA PRO A 167 0.77 29.66 18.47
C PRO A 167 0.84 30.93 17.62
N GLU A 168 0.59 32.08 18.24
CA GLU A 168 0.61 33.34 17.49
C GLU A 168 2.01 33.68 16.97
N GLU A 169 3.03 33.01 17.50
CA GLU A 169 4.42 33.25 17.12
C GLU A 169 4.83 32.40 15.91
N VAL A 170 4.10 31.32 15.63
CA VAL A 170 4.56 30.34 14.63
C VAL A 170 3.50 29.77 13.69
N ASP A 171 2.31 29.44 14.20
CA ASP A 171 1.28 28.76 13.41
C ASP A 171 -0.06 28.63 14.17
N PRO A 172 -1.17 28.87 13.47
CA PRO A 172 -2.48 28.83 14.16
C PRO A 172 -2.90 27.45 14.66
N ASP A 173 -2.32 26.39 14.12
CA ASP A 173 -2.71 25.05 14.55
C ASP A 173 -1.70 24.46 15.53
N ALA A 174 -0.75 25.28 15.97
CA ALA A 174 0.23 24.83 16.95
C ALA A 174 -0.29 24.86 18.38
N THR A 175 0.40 24.14 19.25
CA THR A 175 0.23 24.31 20.68
C THR A 175 1.58 24.12 21.34
N SER A 176 1.66 24.28 22.66
CA SER A 176 2.92 24.16 23.38
C SER A 176 2.63 23.60 24.75
N LEU A 177 3.66 23.14 25.45
CA LEU A 177 3.42 22.66 26.80
C LEU A 177 2.81 23.76 27.66
N LEU A 178 3.33 24.97 27.51
CA LEU A 178 2.80 26.09 28.30
C LEU A 178 1.33 26.31 27.98
N ASP A 179 0.97 26.24 26.70
CA ASP A 179 -0.44 26.43 26.31
C ASP A 179 -1.32 25.24 26.65
N LEU A 180 -0.69 24.15 27.06
CA LEU A 180 -1.41 23.00 27.61
C LEU A 180 -1.47 23.03 29.13
N GLY A 181 -0.98 24.11 29.72
CA GLY A 181 -1.10 24.30 31.15
C GLY A 181 0.10 23.96 32.00
N VAL A 182 1.21 23.60 31.35
CA VAL A 182 2.45 23.33 32.06
C VAL A 182 3.07 24.70 32.36
N ALA A 183 3.10 25.09 33.63
CA ALA A 183 3.32 26.50 33.97
C ALA A 183 4.77 26.95 33.82
N ALA A 184 5.71 26.06 34.15
CA ALA A 184 7.11 26.45 34.10
C ALA A 184 7.94 25.30 33.58
N PRO A 185 7.78 24.97 32.29
CA PRO A 185 8.48 23.81 31.74
C PRO A 185 10.00 24.00 31.82
N ASP A 186 10.71 22.96 32.24
CA ASP A 186 12.16 23.00 32.30
C ASP A 186 12.73 22.30 31.06
N ARG A 187 13.27 23.05 30.11
CA ARG A 187 13.78 22.43 28.87
C ARG A 187 14.96 21.50 29.09
N ASN A 188 15.77 21.74 30.12
CA ASN A 188 16.89 20.87 30.40
C ASN A 188 16.39 19.47 30.79
N ARG A 189 15.39 19.44 31.66
CA ARG A 189 14.81 18.17 32.08
C ARG A 189 14.14 17.50 30.90
N ILE A 190 13.38 18.27 30.13
CA ILE A 190 12.66 17.71 29.01
C ILE A 190 13.60 17.19 27.93
N ALA A 191 14.67 17.93 27.64
CA ALA A 191 15.65 17.52 26.62
C ALA A 191 16.33 16.22 27.01
N SER A 192 16.73 16.12 28.27
CA SER A 192 17.33 14.88 28.76
C SER A 192 16.36 13.70 28.64
N ARG A 193 15.11 13.90 29.06
CA ARG A 193 14.12 12.81 28.93
C ARG A 193 13.92 12.40 27.48
N LEU A 194 13.81 13.39 26.61
CA LEU A 194 13.58 13.16 25.19
C LEU A 194 14.71 12.32 24.57
N LEU A 195 15.95 12.71 24.83
CA LEU A 195 17.08 12.01 24.23
C LEU A 195 17.23 10.59 24.80
N ARG A 196 16.89 10.40 26.06
CA ARG A 196 16.90 9.04 26.62
C ARG A 196 15.81 8.16 25.97
N GLU A 197 14.62 8.72 25.74
CA GLU A 197 13.55 7.97 25.06
C GLU A 197 13.96 7.67 23.63
N LEU A 198 14.53 8.66 22.95
CA LEU A 198 14.94 8.53 21.56
C LEU A 198 15.98 7.41 21.39
N GLU A 199 16.95 7.36 22.30
CA GLU A 199 17.94 6.30 22.25
C GLU A 199 17.30 4.91 22.28
N ALA A 200 16.38 4.70 23.21
CA ALA A 200 15.72 3.42 23.38
C ALA A 200 14.92 3.06 22.12
N ARG A 201 14.18 4.03 21.58
CA ARG A 201 13.37 3.75 20.39
C ARG A 201 14.24 3.46 19.17
N ILE A 202 15.38 4.15 19.06
CA ILE A 202 16.27 3.89 17.92
C ILE A 202 16.82 2.47 18.02
N ILE A 203 17.20 2.04 19.22
CA ILE A 203 17.67 0.66 19.44
C ILE A 203 16.59 -0.36 19.10
N GLN A 204 15.35 -0.09 19.51
CA GLN A 204 14.24 -0.98 19.16
C GLN A 204 14.08 -1.05 17.65
N TRP A 205 14.13 0.10 17.00
CA TRP A 205 13.99 0.17 15.54
C TRP A 205 15.06 -0.65 14.85
N ARG A 206 16.29 -0.50 15.32
CA ARG A 206 17.43 -1.19 14.73
C ARG A 206 17.29 -2.71 14.84
N ASN A 207 16.63 -3.17 15.89
CA ASN A 207 16.47 -4.60 16.15
C ASN A 207 15.09 -5.15 15.82
N ALA A 208 14.30 -4.35 15.09
CA ALA A 208 12.95 -4.73 14.68
C ALA A 208 12.11 -5.23 15.85
N ASN A 209 12.18 -4.53 16.98
CA ASN A 209 11.42 -4.93 18.15
C ASN A 209 9.93 -4.70 17.91
N PRO A 210 9.12 -5.75 18.03
CA PRO A 210 7.67 -5.58 17.84
C PRO A 210 7.03 -4.59 18.82
N GLN A 211 7.69 -4.31 19.95
CA GLN A 211 7.10 -3.36 20.90
C GLN A 211 7.01 -1.95 20.29
N LEU A 212 7.88 -1.63 19.35
CA LEU A 212 7.87 -0.31 18.72
C LEU A 212 6.53 -0.08 18.01
N ALA A 213 6.17 -1.00 17.13
CA ALA A 213 4.88 -0.92 16.42
C ALA A 213 3.68 -0.98 17.36
N ALA A 214 3.77 -1.82 18.39
CA ALA A 214 2.66 -1.95 19.34
C ALA A 214 2.49 -0.65 20.11
N ASP A 215 3.60 -0.06 20.54
CA ASP A 215 3.55 1.18 21.30
C ASP A 215 3.06 2.32 20.41
N TYR A 216 3.47 2.31 19.15
CA TYR A 216 3.01 3.35 18.22
C TYR A 216 1.50 3.27 18.07
N ARG A 217 1.00 2.07 17.82
CA ARG A 217 -0.44 1.88 17.64
C ARG A 217 -1.22 2.34 18.86
N ALA A 218 -0.66 2.07 20.03
CA ALA A 218 -1.34 2.41 21.28
C ALA A 218 -1.49 3.91 21.47
N ARG A 219 -0.61 4.69 20.84
CA ARG A 219 -0.68 6.14 20.95
C ARG A 219 -1.18 6.82 19.67
N SER A 220 -1.63 6.04 18.70
CA SER A 220 -2.04 6.64 17.41
C SER A 220 -3.41 7.33 17.49
N LEU A 221 -3.46 8.59 17.10
CA LEU A 221 -4.75 9.30 16.97
C LEU A 221 -5.38 9.05 15.61
N THR A 222 -4.57 8.61 14.66
CA THR A 222 -5.00 8.43 13.28
C THR A 222 -5.72 7.10 13.06
N ILE A 223 -5.14 6.02 13.58
CA ILE A 223 -5.74 4.72 13.38
C ILE A 223 -7.15 4.72 13.97
N GLY A 224 -8.12 4.31 13.15
CA GLY A 224 -9.50 4.23 13.58
C GLY A 224 -10.31 5.46 13.19
N SER A 225 -9.61 6.49 12.72
CA SER A 225 -10.26 7.77 12.42
C SER A 225 -10.59 7.94 10.94
N ARG A 226 -11.68 8.66 10.67
CA ARG A 226 -11.95 9.12 9.32
C ARG A 226 -10.91 10.17 8.99
N VAL A 227 -10.30 10.08 7.83
CA VAL A 227 -9.24 11.02 7.49
C VAL A 227 -9.34 11.50 6.05
N ARG A 228 -8.88 12.73 5.82
CA ARG A 228 -8.53 13.15 4.48
C ARG A 228 -7.02 13.20 4.37
N VAL A 229 -6.45 12.47 3.43
CA VAL A 229 -5.01 12.44 3.28
C VAL A 229 -4.60 13.21 2.03
N GLU A 230 -3.76 14.23 2.18
CA GLU A 230 -3.32 14.99 1.03
C GLU A 230 -2.02 14.40 0.55
N LEU A 231 -2.03 13.81 -0.64
CA LEU A 231 -0.86 13.11 -1.17
C LEU A 231 0.12 14.10 -1.79
N PRO A 232 1.39 13.72 -1.87
CA PRO A 232 2.34 14.55 -2.64
C PRO A 232 1.75 14.80 -4.02
N GLY A 233 1.79 16.03 -4.51
CA GLY A 233 1.26 16.33 -5.83
C GLY A 233 -0.15 16.95 -5.77
N GLY A 234 -0.72 17.00 -4.57
CA GLY A 234 -1.98 17.72 -4.36
C GLY A 234 -3.27 16.93 -4.32
N GLN A 235 -3.25 15.64 -4.65
CA GLN A 235 -4.48 14.87 -4.62
C GLN A 235 -4.91 14.56 -3.18
N ASP A 236 -6.21 14.56 -2.94
CA ASP A 236 -6.79 14.14 -1.67
C ASP A 236 -7.41 12.76 -1.77
N VAL A 237 -7.27 11.95 -0.72
CA VAL A 237 -8.01 10.69 -0.61
C VAL A 237 -8.71 10.68 0.73
N VAL A 238 -9.99 10.34 0.73
CA VAL A 238 -10.74 10.25 1.96
C VAL A 238 -11.06 8.81 2.29
N GLY A 239 -10.83 8.42 3.54
CA GLY A 239 -11.15 7.08 3.96
C GLY A 239 -11.05 6.91 5.47
N ILE A 240 -10.89 5.67 5.91
CA ILE A 240 -10.69 5.40 7.33
C ILE A 240 -9.32 4.76 7.51
N ALA A 241 -8.49 5.37 8.35
CA ALA A 241 -7.18 4.81 8.64
C ALA A 241 -7.35 3.53 9.46
N ARG A 242 -6.72 2.45 9.03
CA ARG A 242 -6.89 1.15 9.71
C ARG A 242 -5.63 0.63 10.43
N ASP A 243 -4.47 0.83 9.84
CA ASP A 243 -3.23 0.29 10.40
C ASP A 243 -2.01 0.99 9.82
N ILE A 244 -0.84 0.68 10.38
CA ILE A 244 0.44 1.01 9.77
C ILE A 244 1.06 -0.32 9.32
N ASP A 245 1.68 -0.35 8.15
CA ASP A 245 2.30 -1.61 7.71
C ASP A 245 3.77 -1.67 8.16
N ASP A 246 4.48 -2.71 7.71
CA ASP A 246 5.83 -2.96 8.18
C ASP A 246 6.84 -1.96 7.61
N GLN A 247 6.41 -1.12 6.67
CA GLN A 247 7.26 -0.06 6.15
C GLN A 247 6.96 1.31 6.74
N GLY A 248 6.05 1.35 7.71
CA GLY A 248 5.66 2.62 8.32
C GLY A 248 4.60 3.35 7.52
N ARG A 249 4.01 2.66 6.54
CA ARG A 249 3.02 3.29 5.67
C ARG A 249 1.60 3.20 6.21
N LEU A 250 0.80 4.22 5.92
CA LEU A 250 -0.58 4.31 6.41
C LEU A 250 -1.54 3.51 5.51
N CYS A 251 -2.25 2.56 6.12
CA CYS A 251 -3.18 1.73 5.38
C CYS A 251 -4.58 2.31 5.54
N LEU A 252 -5.17 2.73 4.42
CA LEU A 252 -6.48 3.37 4.42
C LEU A 252 -7.55 2.42 3.89
N ASP A 253 -8.70 2.39 4.55
CA ASP A 253 -9.89 1.75 3.97
C ASP A 253 -10.69 2.80 3.19
N VAL A 254 -10.75 2.65 1.87
CA VAL A 254 -11.56 3.52 1.03
C VAL A 254 -12.73 2.71 0.49
N GLY A 255 -13.83 2.69 1.23
CA GLY A 255 -15.01 1.92 0.85
C GLY A 255 -14.76 0.48 0.51
N GLY A 256 -13.87 -0.18 1.24
CA GLY A 256 -13.61 -1.59 1.04
C GLY A 256 -12.36 -1.88 0.22
N ARG A 257 -11.79 -0.84 -0.39
CA ARG A 257 -10.51 -1.00 -1.08
C ARG A 257 -9.41 -0.50 -0.15
N THR A 258 -8.26 -1.14 -0.19
CA THR A 258 -7.13 -0.71 0.64
C THR A 258 -6.18 0.17 -0.14
N VAL A 259 -5.91 1.36 0.40
CA VAL A 259 -4.97 2.30 -0.20
C VAL A 259 -3.86 2.53 0.79
N VAL A 260 -2.62 2.22 0.39
CA VAL A 260 -1.48 2.34 1.27
C VAL A 260 -0.65 3.56 0.89
N VAL A 261 -0.47 4.45 1.86
CA VAL A 261 0.13 5.74 1.60
C VAL A 261 1.50 5.82 2.26
N SER A 262 2.54 6.14 1.49
CA SER A 262 3.88 6.19 2.08
C SER A 262 4.21 7.59 2.57
N ALA A 263 3.50 8.57 2.06
CA ALA A 263 3.76 9.96 2.42
C ALA A 263 2.52 10.79 2.18
N GLY A 264 2.29 11.77 3.05
CA GLY A 264 1.16 12.66 2.86
C GLY A 264 0.81 13.40 4.13
N ASP A 265 -0.16 14.30 4.02
CA ASP A 265 -0.60 15.09 5.16
C ASP A 265 -1.98 14.63 5.58
N VAL A 266 -2.13 14.27 6.86
CA VAL A 266 -3.40 13.75 7.35
C VAL A 266 -4.19 14.82 8.08
N VAL A 267 -5.46 14.91 7.72
CA VAL A 267 -6.42 15.67 8.51
C VAL A 267 -7.43 14.70 9.11
N HIS A 268 -7.62 14.76 10.43
CA HIS A 268 -8.62 13.93 11.08
C HIS A 268 -9.98 14.59 10.90
N LEU A 269 -10.96 13.83 10.44
CA LEU A 269 -12.27 14.38 10.13
C LEU A 269 -13.25 14.15 11.27
N ARG B 8 -25.30 -14.74 -35.70
CA ARG B 8 -24.06 -15.34 -35.23
C ARG B 8 -24.27 -16.74 -34.67
N ASP B 9 -25.54 -17.15 -34.57
CA ASP B 9 -25.87 -18.47 -34.06
C ASP B 9 -25.26 -19.57 -34.92
N ARG B 10 -25.03 -19.25 -36.19
CA ARG B 10 -24.31 -20.11 -37.12
C ARG B 10 -22.95 -20.56 -36.57
N LEU B 11 -22.33 -19.71 -35.75
CA LEU B 11 -20.97 -19.95 -35.30
C LEU B 11 -20.91 -20.49 -33.88
N ARG B 12 -22.05 -20.92 -33.35
CA ARG B 12 -22.12 -21.33 -31.94
C ARG B 12 -22.62 -22.75 -31.69
N PRO B 13 -21.89 -23.76 -32.21
CA PRO B 13 -22.18 -25.14 -31.80
C PRO B 13 -21.95 -25.32 -30.30
N PRO B 14 -22.67 -26.27 -29.68
CA PRO B 14 -22.45 -26.48 -28.25
C PRO B 14 -21.04 -27.02 -27.97
N LEU B 15 -20.61 -26.90 -26.72
CA LEU B 15 -19.37 -27.53 -26.31
C LEU B 15 -19.55 -29.03 -26.25
N ASP B 16 -18.48 -29.74 -26.60
CA ASP B 16 -18.43 -31.20 -26.55
C ASP B 16 -17.78 -31.61 -25.24
N GLU B 17 -18.58 -31.97 -24.25
CA GLU B 17 -18.08 -32.33 -22.93
C GLU B 17 -17.19 -33.56 -22.98
N ARG B 18 -17.65 -34.58 -23.70
CA ARG B 18 -16.90 -35.82 -23.78
C ARG B 18 -15.53 -35.59 -24.42
N SER B 19 -15.47 -34.74 -25.46
CA SER B 19 -14.19 -34.49 -26.11
C SER B 19 -13.23 -33.76 -25.18
N LEU B 20 -13.75 -32.76 -24.46
CA LEU B 20 -12.93 -32.05 -23.48
C LEU B 20 -12.42 -32.99 -22.40
N ARG B 21 -13.29 -33.88 -21.92
CA ARG B 21 -12.84 -34.82 -20.90
C ARG B 21 -11.72 -35.73 -21.41
N ASP B 22 -11.91 -36.28 -22.60
CA ASP B 22 -10.91 -37.18 -23.18
C ASP B 22 -9.58 -36.47 -23.39
N GLN B 23 -9.63 -35.18 -23.75
CA GLN B 23 -8.40 -34.47 -24.02
C GLN B 23 -7.67 -34.09 -22.73
N LEU B 24 -8.43 -33.72 -21.71
CA LEU B 24 -7.87 -33.06 -20.53
C LEU B 24 -7.79 -33.86 -19.24
N ILE B 25 -8.82 -34.64 -18.95
CA ILE B 25 -9.00 -35.08 -17.57
C ILE B 25 -8.23 -36.38 -17.28
N GLY B 26 -7.16 -36.24 -16.49
CA GLY B 26 -6.23 -37.32 -16.21
C GLY B 26 -5.34 -37.62 -17.40
N ALA B 27 -5.35 -36.72 -18.39
CA ALA B 27 -4.69 -36.94 -19.67
C ALA B 27 -3.73 -35.81 -19.99
N GLY B 28 -4.16 -34.87 -20.83
CA GLY B 28 -3.32 -33.74 -21.21
C GLY B 28 -3.22 -32.66 -20.15
N SER B 29 -3.78 -32.93 -18.98
CA SER B 29 -3.73 -31.99 -17.87
C SER B 29 -3.91 -32.69 -16.55
N GLY B 30 -3.64 -31.97 -15.47
CA GLY B 30 -3.86 -32.49 -14.14
C GLY B 30 -5.26 -32.21 -13.58
N TRP B 31 -6.12 -31.53 -14.35
CA TRP B 31 -7.53 -31.35 -13.93
C TRP B 31 -8.16 -32.73 -13.74
N ARG B 32 -9.01 -32.87 -12.70
CA ARG B 32 -9.46 -34.21 -12.32
C ARG B 32 -10.97 -34.43 -12.52
N GLN B 33 -11.69 -33.36 -12.85
CA GLN B 33 -13.12 -33.48 -13.11
C GLN B 33 -13.55 -32.34 -13.99
N LEU B 34 -14.42 -32.61 -14.95
CA LEU B 34 -14.90 -31.58 -15.86
C LEU B 34 -16.36 -31.80 -16.18
N ASP B 35 -17.17 -30.76 -15.98
CA ASP B 35 -18.59 -30.81 -16.33
C ASP B 35 -18.97 -29.58 -17.13
N VAL B 36 -19.78 -29.78 -18.16
CA VAL B 36 -20.41 -28.71 -18.91
C VAL B 36 -21.90 -28.72 -18.58
N VAL B 37 -22.44 -27.57 -18.20
CA VAL B 37 -23.87 -27.45 -17.93
C VAL B 37 -24.45 -26.45 -18.92
N ALA B 38 -25.69 -26.69 -19.34
CA ALA B 38 -26.33 -25.80 -20.29
C ALA B 38 -26.67 -24.44 -19.66
N GLN B 39 -27.05 -24.44 -18.39
CA GLN B 39 -27.43 -23.19 -17.73
C GLN B 39 -27.26 -23.27 -16.23
N THR B 40 -26.79 -22.18 -15.64
CA THR B 40 -26.72 -22.07 -14.20
C THR B 40 -26.74 -20.58 -13.83
N GLY B 41 -26.79 -20.25 -12.55
CA GLY B 41 -26.73 -18.86 -12.14
C GLY B 41 -25.32 -18.34 -12.36
N SER B 42 -24.35 -19.03 -11.75
CA SER B 42 -22.95 -18.66 -11.85
C SER B 42 -22.07 -19.88 -11.60
N THR B 43 -21.08 -20.11 -12.46
CA THR B 43 -20.16 -21.22 -12.25
C THR B 43 -19.30 -21.01 -11.00
N ASN B 44 -18.98 -19.74 -10.70
CA ASN B 44 -18.26 -19.45 -9.46
C ASN B 44 -19.12 -19.80 -8.24
N ALA B 45 -20.38 -19.38 -8.25
CA ALA B 45 -21.31 -19.71 -7.18
C ALA B 45 -21.41 -21.22 -6.97
N ASP B 46 -21.49 -21.94 -8.07
CA ASP B 46 -21.67 -23.39 -8.01
C ASP B 46 -20.49 -24.11 -7.37
N LEU B 47 -19.27 -23.76 -7.75
CA LEU B 47 -18.12 -24.44 -7.16
C LEU B 47 -17.99 -24.06 -5.70
N LEU B 48 -18.27 -22.81 -5.36
CA LEU B 48 -18.23 -22.36 -3.96
C LEU B 48 -19.22 -23.17 -3.13
N ALA B 49 -20.40 -23.40 -3.68
CA ALA B 49 -21.43 -24.19 -2.99
C ALA B 49 -20.99 -25.64 -2.80
N ARG B 50 -20.29 -26.20 -3.79
CA ARG B 50 -19.74 -27.54 -3.62
C ARG B 50 -18.75 -27.61 -2.48
N ALA B 51 -17.86 -26.63 -2.40
CA ALA B 51 -16.89 -26.58 -1.32
C ALA B 51 -17.61 -26.46 0.03
N ALA B 52 -18.60 -25.59 0.10
CA ALA B 52 -19.31 -25.35 1.37
C ALA B 52 -20.06 -26.59 1.83
N SER B 53 -20.43 -27.44 0.88
CA SER B 53 -21.09 -28.71 1.20
C SER B 53 -20.07 -29.77 1.62
N GLY B 54 -18.79 -29.44 1.53
CA GLY B 54 -17.72 -30.32 2.00
C GLY B 54 -17.05 -31.13 0.90
N ALA B 55 -17.36 -30.80 -0.35
CA ALA B 55 -16.71 -31.46 -1.48
C ALA B 55 -15.33 -30.85 -1.74
N ASP B 56 -14.35 -31.67 -2.09
CA ASP B 56 -13.04 -31.11 -2.41
C ASP B 56 -13.06 -30.68 -3.88
N ILE B 57 -12.88 -29.39 -4.12
CA ILE B 57 -12.98 -28.88 -5.47
C ILE B 57 -11.62 -28.57 -6.12
N ASP B 58 -10.51 -28.92 -5.46
CA ASP B 58 -9.20 -28.75 -6.10
C ASP B 58 -9.15 -29.56 -7.39
N GLY B 59 -8.85 -28.89 -8.48
CA GLY B 59 -8.68 -29.57 -9.76
C GLY B 59 -9.98 -29.86 -10.46
N VAL B 60 -11.08 -29.27 -9.97
CA VAL B 60 -12.39 -29.46 -10.59
C VAL B 60 -12.73 -28.32 -11.53
N VAL B 61 -13.28 -28.66 -12.70
CA VAL B 61 -13.64 -27.69 -13.71
C VAL B 61 -15.14 -27.71 -13.97
N LEU B 62 -15.75 -26.53 -14.02
CA LEU B 62 -17.16 -26.40 -14.36
C LEU B 62 -17.33 -25.36 -15.46
N ILE B 63 -17.96 -25.76 -16.57
CA ILE B 63 -18.16 -24.86 -17.69
C ILE B 63 -19.65 -24.71 -17.96
N ALA B 64 -20.12 -23.49 -18.22
CA ALA B 64 -21.53 -23.29 -18.52
C ALA B 64 -21.74 -22.64 -19.88
N GLU B 65 -22.76 -23.10 -20.60
CA GLU B 65 -23.12 -22.47 -21.85
C GLU B 65 -23.75 -21.10 -21.64
N HIS B 66 -24.39 -20.91 -20.49
CA HIS B 66 -25.07 -19.65 -20.16
C HIS B 66 -25.17 -19.45 -18.65
N GLN B 67 -25.08 -18.19 -18.19
CA GLN B 67 -25.31 -17.89 -16.77
C GLN B 67 -26.49 -16.93 -16.59
N THR B 68 -27.31 -17.18 -15.57
CA THR B 68 -28.44 -16.30 -15.32
C THR B 68 -28.14 -15.29 -14.21
N ALA B 69 -27.05 -15.51 -13.49
CA ALA B 69 -26.65 -14.61 -12.40
C ALA B 69 -25.14 -14.41 -12.38
N GLY B 70 -24.56 -14.03 -13.51
CA GLY B 70 -23.11 -13.88 -13.63
C GLY B 70 -22.55 -12.89 -12.62
N ARG B 71 -21.33 -13.15 -12.15
CA ARG B 71 -20.69 -12.31 -11.15
C ARG B 71 -19.47 -11.63 -11.73
N GLY B 72 -19.34 -10.34 -11.44
CA GLY B 72 -18.12 -9.60 -11.75
C GLY B 72 -17.49 -9.22 -10.43
N ARG B 73 -16.37 -8.50 -10.46
CA ARG B 73 -15.72 -8.16 -9.20
C ARG B 73 -16.50 -7.06 -8.47
N HIS B 74 -16.33 -6.99 -7.15
CA HIS B 74 -16.93 -5.91 -6.36
C HIS B 74 -18.45 -5.86 -6.51
N GLY B 75 -19.09 -7.01 -6.52
CA GLY B 75 -20.54 -7.07 -6.58
C GLY B 75 -21.14 -6.73 -7.93
N ARG B 76 -20.31 -6.56 -8.95
CA ARG B 76 -20.84 -6.29 -10.28
C ARG B 76 -21.37 -7.58 -10.88
N GLY B 77 -21.92 -7.46 -12.09
CA GLY B 77 -22.40 -8.62 -12.82
C GLY B 77 -21.50 -8.99 -13.96
N TRP B 78 -21.87 -10.05 -14.68
CA TRP B 78 -21.20 -10.47 -15.91
C TRP B 78 -22.30 -10.97 -16.82
N ALA B 79 -22.34 -10.46 -18.03
CA ALA B 79 -23.41 -10.81 -18.94
C ALA B 79 -22.91 -11.75 -20.02
N ALA B 80 -23.78 -12.63 -20.52
CA ALA B 80 -23.37 -13.56 -21.57
C ALA B 80 -24.56 -14.05 -22.38
N THR B 81 -24.39 -14.08 -23.71
CA THR B 81 -25.34 -14.76 -24.59
C THR B 81 -24.99 -16.24 -24.59
N ALA B 82 -26.01 -17.10 -24.64
CA ALA B 82 -25.78 -18.53 -24.62
C ALA B 82 -24.85 -18.96 -25.77
N ARG B 83 -23.82 -19.74 -25.39
CA ARG B 83 -22.84 -20.33 -26.32
CA ARG B 83 -22.83 -20.33 -26.31
C ARG B 83 -21.89 -19.33 -26.98
N ALA B 84 -21.93 -18.07 -26.55
CA ALA B 84 -21.09 -17.03 -27.17
C ALA B 84 -19.76 -16.81 -26.45
N GLN B 85 -19.62 -17.42 -25.28
CA GLN B 85 -18.39 -17.30 -24.50
C GLN B 85 -17.89 -18.63 -24.03
N ILE B 86 -16.65 -18.65 -23.59
CA ILE B 86 -16.18 -19.72 -22.72
C ILE B 86 -16.37 -19.20 -21.29
N ILE B 87 -17.26 -19.86 -20.55
CA ILE B 87 -17.64 -19.42 -19.21
C ILE B 87 -17.23 -20.52 -18.25
N LEU B 88 -16.15 -20.34 -17.50
CA LEU B 88 -15.74 -21.46 -16.68
C LEU B 88 -15.18 -21.06 -15.33
N SER B 89 -15.23 -22.01 -14.41
CA SER B 89 -14.59 -21.85 -13.11
C SER B 89 -13.77 -23.10 -12.80
N VAL B 90 -12.67 -22.89 -12.10
CA VAL B 90 -11.85 -24.01 -11.62
C VAL B 90 -11.60 -23.87 -10.12
N GLY B 91 -11.46 -25.00 -9.44
CA GLY B 91 -11.13 -24.99 -8.02
C GLY B 91 -9.65 -25.17 -7.77
N VAL B 92 -9.09 -24.39 -6.87
CA VAL B 92 -7.66 -24.41 -6.58
C VAL B 92 -7.41 -24.47 -5.07
N ARG B 93 -6.74 -25.51 -4.57
CA ARG B 93 -6.34 -25.52 -3.16
C ARG B 93 -5.19 -24.53 -2.95
N VAL B 94 -5.37 -23.58 -2.03
CA VAL B 94 -4.38 -22.51 -1.84
C VAL B 94 -3.74 -22.48 -0.46
N VAL B 95 -4.19 -23.35 0.44
CA VAL B 95 -3.86 -23.20 1.86
C VAL B 95 -2.38 -23.41 2.16
N ASP B 96 -1.67 -24.08 1.26
CA ASP B 96 -0.23 -24.31 1.41
C ASP B 96 0.63 -23.15 0.89
N VAL B 97 -0.01 -22.14 0.30
CA VAL B 97 0.70 -20.96 -0.23
C VAL B 97 0.45 -19.80 0.73
N PRO B 98 1.50 -19.02 1.08
CA PRO B 98 1.29 -17.88 1.99
C PRO B 98 0.16 -16.98 1.53
N VAL B 99 -0.70 -16.57 2.46
CA VAL B 99 -1.92 -15.85 2.13
C VAL B 99 -1.66 -14.57 1.35
N GLN B 100 -0.54 -13.90 1.61
CA GLN B 100 -0.30 -12.63 0.94
C GLN B 100 -0.04 -12.83 -0.56
N ALA B 101 0.17 -14.07 -0.98
CA ALA B 101 0.41 -14.33 -2.41
C ALA B 101 -0.88 -14.68 -3.18
N TRP B 102 -1.99 -14.84 -2.47
CA TRP B 102 -3.22 -15.31 -3.13
C TRP B 102 -3.69 -14.32 -4.19
N GLY B 103 -3.39 -13.05 -4.00
CA GLY B 103 -3.78 -12.01 -4.94
C GLY B 103 -3.20 -12.19 -6.34
N TRP B 104 -2.17 -13.01 -6.46
CA TRP B 104 -1.53 -13.23 -7.76
C TRP B 104 -2.23 -14.30 -8.63
N LEU B 105 -3.20 -15.00 -8.06
CA LEU B 105 -3.88 -16.04 -8.82
C LEU B 105 -4.73 -15.46 -9.96
N SER B 106 -5.47 -14.39 -9.69
CA SER B 106 -6.28 -13.78 -10.73
C SER B 106 -5.39 -13.23 -11.82
N LEU B 107 -4.23 -12.71 -11.43
CA LEU B 107 -3.29 -12.17 -12.40
C LEU B 107 -2.72 -13.31 -13.24
N ALA B 108 -2.40 -14.43 -12.61
CA ALA B 108 -1.94 -15.62 -13.33
C ALA B 108 -2.98 -16.12 -14.34
N ALA B 109 -4.26 -16.08 -13.96
CA ALA B 109 -5.31 -16.53 -14.86
C ALA B 109 -5.45 -15.61 -16.07
N GLY B 110 -5.26 -14.31 -15.87
CA GLY B 110 -5.28 -13.39 -17.00
C GLY B 110 -4.19 -13.71 -18.01
N LEU B 111 -2.99 -14.02 -17.53
CA LEU B 111 -1.89 -14.41 -18.41
C LEU B 111 -2.25 -15.65 -19.19
N ALA B 112 -2.87 -16.61 -18.52
CA ALA B 112 -3.28 -17.86 -19.16
C ALA B 112 -4.28 -17.59 -20.29
N VAL B 113 -5.26 -16.73 -20.05
CA VAL B 113 -6.21 -16.39 -21.11
C VAL B 113 -5.52 -15.74 -22.28
N LEU B 114 -4.67 -14.76 -22.00
CA LEU B 114 -3.94 -14.05 -23.03
C LEU B 114 -3.14 -15.03 -23.90
N ASP B 115 -2.45 -15.96 -23.24
CA ASP B 115 -1.65 -16.96 -23.96
C ASP B 115 -2.53 -17.92 -24.76
N SER B 116 -3.72 -18.23 -24.25
CA SER B 116 -4.55 -19.20 -24.94
C SER B 116 -5.10 -18.65 -26.27
N VAL B 117 -5.31 -17.34 -26.35
CA VAL B 117 -5.91 -16.76 -27.56
C VAL B 117 -4.85 -16.14 -28.50
N ALA B 118 -3.64 -15.99 -27.97
CA ALA B 118 -2.53 -15.36 -28.71
C ALA B 118 -2.30 -15.87 -30.14
N PRO B 119 -2.24 -17.21 -30.33
CA PRO B 119 -1.96 -17.64 -31.71
C PRO B 119 -3.17 -17.54 -32.64
N LEU B 120 -4.27 -16.97 -32.16
CA LEU B 120 -5.48 -16.88 -32.98
C LEU B 120 -5.62 -15.53 -33.67
N ILE B 121 -5.16 -14.47 -33.01
CA ILE B 121 -5.49 -13.12 -33.44
C ILE B 121 -4.30 -12.40 -34.09
N ALA B 122 -4.60 -11.42 -34.92
CA ALA B 122 -3.58 -10.79 -35.76
C ALA B 122 -3.28 -9.33 -35.40
N VAL B 123 -2.89 -9.08 -34.15
CA VAL B 123 -2.38 -7.76 -33.74
C VAL B 123 -1.79 -7.75 -32.32
N PRO B 124 -0.59 -7.19 -32.17
CA PRO B 124 -0.03 -6.89 -30.85
C PRO B 124 -0.08 -5.39 -30.56
N GLU B 127 -3.15 -2.61 -28.85
CA GLU B 127 -3.41 -2.53 -27.41
C GLU B 127 -3.91 -3.87 -26.86
N THR B 128 -3.06 -4.89 -26.93
CA THR B 128 -3.42 -6.24 -26.49
C THR B 128 -2.50 -6.72 -25.36
N GLY B 129 -3.10 -7.16 -24.26
CA GLY B 129 -2.35 -7.48 -23.06
C GLY B 129 -3.26 -7.44 -21.85
N LEU B 130 -2.68 -7.22 -20.67
CA LEU B 130 -3.43 -7.30 -19.43
C LEU B 130 -3.59 -5.92 -18.79
N LYS B 131 -4.83 -5.58 -18.47
CA LYS B 131 -5.09 -4.37 -17.69
C LYS B 131 -5.38 -4.77 -16.25
N TRP B 132 -4.60 -4.23 -15.32
CA TRP B 132 -4.76 -4.58 -13.91
C TRP B 132 -6.14 -4.14 -13.38
N PRO B 133 -6.81 -4.98 -12.56
CA PRO B 133 -6.49 -6.29 -12.01
C PRO B 133 -7.32 -7.45 -12.59
N ASN B 134 -8.32 -7.20 -13.42
CA ASN B 134 -9.25 -8.27 -13.81
C ASN B 134 -9.40 -8.49 -15.32
N ASP B 135 -8.60 -7.81 -16.15
CA ASP B 135 -8.94 -7.66 -17.58
C ASP B 135 -7.94 -8.17 -18.60
N VAL B 136 -8.45 -8.81 -19.64
CA VAL B 136 -7.64 -9.12 -20.82
C VAL B 136 -8.17 -8.25 -21.97
N LEU B 137 -7.30 -7.42 -22.52
CA LEU B 137 -7.69 -6.46 -23.55
C LEU B 137 -7.12 -6.82 -24.90
N ALA B 138 -7.87 -6.47 -25.94
CA ALA B 138 -7.36 -6.56 -27.30
C ALA B 138 -8.04 -5.43 -28.08
N ARG B 139 -7.27 -4.64 -28.82
CA ARG B 139 -7.83 -3.48 -29.53
C ARG B 139 -8.41 -2.49 -28.53
N GLY B 140 -7.87 -2.49 -27.32
CA GLY B 140 -8.42 -1.67 -26.26
C GLY B 140 -9.79 -2.12 -25.76
N GLY B 141 -10.30 -3.21 -26.31
CA GLY B 141 -11.60 -3.73 -25.88
C GLY B 141 -11.45 -4.86 -24.88
N LYS B 142 -12.44 -5.08 -24.03
CA LYS B 142 -12.32 -6.14 -23.02
C LYS B 142 -12.74 -7.49 -23.60
N LEU B 143 -11.75 -8.37 -23.75
CA LEU B 143 -11.92 -9.68 -24.34
C LEU B 143 -12.30 -10.74 -23.29
N ALA B 144 -11.88 -10.53 -22.04
CA ALA B 144 -12.15 -11.48 -20.97
C ALA B 144 -12.08 -10.81 -19.60
N GLY B 145 -12.89 -11.31 -18.68
CA GLY B 145 -12.88 -10.87 -17.29
C GLY B 145 -12.58 -12.05 -16.38
N ILE B 146 -11.85 -11.78 -15.30
CA ILE B 146 -11.40 -12.82 -14.37
C ILE B 146 -11.88 -12.52 -12.96
N LEU B 147 -12.41 -13.52 -12.27
CA LEU B 147 -12.89 -13.32 -10.91
C LEU B 147 -12.39 -14.44 -10.00
N ALA B 148 -11.65 -14.09 -8.95
CA ALA B 148 -11.23 -15.07 -7.95
C ALA B 148 -11.99 -14.85 -6.65
N GLU B 149 -12.52 -15.93 -6.08
CA GLU B 149 -13.27 -15.85 -4.83
C GLU B 149 -12.71 -16.86 -3.84
N VAL B 150 -12.58 -16.45 -2.58
CA VAL B 150 -11.92 -17.29 -1.58
C VAL B 150 -12.93 -18.08 -0.76
N ALA B 151 -12.67 -19.37 -0.60
CA ALA B 151 -13.41 -20.20 0.35
C ALA B 151 -12.46 -21.27 0.84
N GLN B 152 -11.72 -20.96 1.90
CA GLN B 152 -10.61 -21.80 2.34
C GLN B 152 -11.06 -23.23 2.49
N PRO B 153 -10.19 -24.18 2.11
CA PRO B 153 -8.80 -24.01 1.68
C PRO B 153 -8.67 -23.72 0.19
N PHE B 154 -9.74 -23.25 -0.45
CA PHE B 154 -9.76 -23.05 -1.90
C PHE B 154 -9.90 -21.61 -2.37
N VAL B 155 -9.46 -21.37 -3.58
CA VAL B 155 -9.87 -20.23 -4.38
C VAL B 155 -10.64 -20.80 -5.58
N VAL B 156 -11.76 -20.17 -5.90
CA VAL B 156 -12.51 -20.49 -7.10
C VAL B 156 -12.17 -19.43 -8.13
N LEU B 157 -11.58 -19.86 -9.25
CA LEU B 157 -11.14 -18.95 -10.29
C LEU B 157 -12.08 -18.99 -11.47
N GLY B 158 -12.70 -17.85 -11.80
CA GLY B 158 -13.66 -17.83 -12.88
C GLY B 158 -13.21 -16.97 -14.05
N VAL B 159 -13.48 -17.45 -15.26
CA VAL B 159 -13.06 -16.79 -16.48
C VAL B 159 -14.26 -16.67 -17.39
N GLY B 160 -14.54 -15.46 -17.87
CA GLY B 160 -15.51 -15.24 -18.92
C GLY B 160 -14.78 -14.71 -20.14
N LEU B 161 -14.74 -15.50 -21.21
CA LEU B 161 -13.99 -15.13 -22.39
C LEU B 161 -14.92 -14.93 -23.59
N ASN B 162 -14.93 -13.72 -24.15
CA ASN B 162 -15.83 -13.42 -25.27
C ASN B 162 -15.32 -14.05 -26.56
N VAL B 163 -16.06 -15.04 -27.06
CA VAL B 163 -15.61 -15.76 -28.23
C VAL B 163 -16.32 -15.28 -29.51
N THR B 164 -17.64 -15.41 -29.54
CA THR B 164 -18.43 -14.81 -30.61
C THR B 164 -19.39 -13.75 -30.06
N GLN B 165 -19.22 -13.42 -28.79
CA GLN B 165 -20.07 -12.46 -28.09
C GLN B 165 -20.12 -11.09 -28.76
N ALA B 166 -21.32 -10.64 -29.11
CA ALA B 166 -21.44 -9.29 -29.65
C ALA B 166 -21.45 -8.28 -28.50
N PRO B 167 -20.63 -7.23 -28.61
CA PRO B 167 -20.50 -6.20 -27.57
C PRO B 167 -21.85 -5.58 -27.22
N GLU B 168 -22.72 -5.45 -28.22
CA GLU B 168 -24.03 -4.82 -28.06
C GLU B 168 -24.86 -5.52 -27.00
N GLU B 169 -24.58 -6.81 -26.77
CA GLU B 169 -25.36 -7.60 -25.83
C GLU B 169 -24.83 -7.56 -24.40
N VAL B 170 -23.57 -7.19 -24.21
CA VAL B 170 -22.96 -7.36 -22.90
C VAL B 170 -22.35 -6.08 -22.29
N ASP B 171 -21.60 -5.33 -23.10
CA ASP B 171 -20.96 -4.10 -22.64
C ASP B 171 -20.36 -3.36 -23.83
N PRO B 172 -20.56 -2.04 -23.91
CA PRO B 172 -20.07 -1.33 -25.09
C PRO B 172 -18.54 -1.34 -25.22
N ASP B 173 -17.81 -1.61 -24.14
CA ASP B 173 -16.36 -1.69 -24.23
C ASP B 173 -15.84 -3.11 -24.37
N ALA B 174 -16.76 -4.05 -24.58
CA ALA B 174 -16.37 -5.44 -24.81
C ALA B 174 -15.90 -5.66 -26.24
N THR B 175 -15.12 -6.71 -26.44
CA THR B 175 -14.80 -7.20 -27.78
C THR B 175 -14.82 -8.72 -27.75
N SER B 176 -14.66 -9.38 -28.89
CA SER B 176 -14.67 -10.85 -28.92
C SER B 176 -13.67 -11.34 -29.94
N LEU B 177 -13.35 -12.63 -29.93
CA LEU B 177 -12.42 -13.15 -30.93
C LEU B 177 -12.98 -12.93 -32.34
N LEU B 178 -14.28 -13.13 -32.49
CA LEU B 178 -14.94 -12.97 -33.78
C LEU B 178 -14.82 -11.54 -34.27
N ASP B 179 -15.13 -10.60 -33.38
CA ASP B 179 -15.04 -9.19 -33.72
C ASP B 179 -13.59 -8.75 -33.98
N LEU B 180 -12.63 -9.53 -33.48
CA LEU B 180 -11.22 -9.25 -33.72
C LEU B 180 -10.72 -9.91 -35.01
N GLY B 181 -11.62 -10.54 -35.74
CA GLY B 181 -11.27 -11.11 -37.04
C GLY B 181 -11.00 -12.60 -37.09
N VAL B 182 -11.14 -13.29 -35.97
CA VAL B 182 -11.02 -14.74 -35.96
C VAL B 182 -12.24 -15.37 -36.63
N ALA B 183 -12.02 -15.95 -37.81
CA ALA B 183 -13.10 -16.32 -38.73
C ALA B 183 -14.20 -17.17 -38.10
N ALA B 184 -13.84 -18.37 -37.65
CA ALA B 184 -14.80 -19.28 -37.06
C ALA B 184 -14.20 -19.90 -35.81
N PRO B 185 -14.28 -19.18 -34.68
CA PRO B 185 -13.61 -19.64 -33.46
C PRO B 185 -14.14 -20.99 -33.01
N ASP B 186 -13.23 -21.87 -32.64
CA ASP B 186 -13.57 -23.20 -32.18
C ASP B 186 -13.52 -23.21 -30.67
N ARG B 187 -14.68 -23.22 -30.01
CA ARG B 187 -14.70 -23.09 -28.55
C ARG B 187 -14.11 -24.31 -27.87
N ASN B 188 -14.26 -25.49 -28.46
CA ASN B 188 -13.67 -26.68 -27.85
C ASN B 188 -12.14 -26.58 -27.80
N ARG B 189 -11.54 -26.22 -28.92
CA ARG B 189 -10.08 -26.10 -29.00
CA ARG B 189 -10.08 -26.11 -29.00
C ARG B 189 -9.56 -24.99 -28.11
N ILE B 190 -10.26 -23.86 -28.09
CA ILE B 190 -9.85 -22.75 -27.23
C ILE B 190 -9.98 -23.13 -25.75
N ALA B 191 -11.09 -23.76 -25.38
CA ALA B 191 -11.29 -24.14 -23.98
C ALA B 191 -10.23 -25.13 -23.51
N SER B 192 -9.91 -26.10 -24.38
CA SER B 192 -8.90 -27.09 -24.08
C SER B 192 -7.55 -26.39 -23.85
N ARG B 193 -7.20 -25.45 -24.74
CA ARG B 193 -5.92 -24.76 -24.60
C ARG B 193 -5.91 -23.89 -23.34
N LEU B 194 -7.03 -23.21 -23.11
CA LEU B 194 -7.16 -22.32 -21.94
C LEU B 194 -6.95 -23.11 -20.65
N LEU B 195 -7.53 -24.30 -20.59
CA LEU B 195 -7.41 -25.10 -19.37
C LEU B 195 -5.98 -25.61 -19.16
N ARG B 196 -5.27 -25.93 -20.24
CA ARG B 196 -3.86 -26.29 -20.10
C ARG B 196 -3.03 -25.08 -19.66
N GLU B 197 -3.26 -23.92 -20.26
CA GLU B 197 -2.49 -22.74 -19.88
C GLU B 197 -2.79 -22.36 -18.42
N LEU B 198 -4.04 -22.49 -18.01
CA LEU B 198 -4.42 -22.17 -16.63
C LEU B 198 -3.67 -23.07 -15.66
N GLU B 199 -3.62 -24.37 -15.94
CA GLU B 199 -2.90 -25.27 -15.06
C GLU B 199 -1.44 -24.84 -14.95
N ALA B 200 -0.81 -24.50 -16.07
CA ALA B 200 0.60 -24.11 -16.08
C ALA B 200 0.83 -22.88 -15.20
N ARG B 201 -0.05 -21.88 -15.35
CA ARG B 201 0.15 -20.65 -14.57
C ARG B 201 -0.17 -20.88 -13.10
N ILE B 202 -1.13 -21.75 -12.80
CA ILE B 202 -1.45 -22.04 -11.40
C ILE B 202 -0.28 -22.73 -10.74
N ILE B 203 0.34 -23.68 -11.45
CA ILE B 203 1.49 -24.40 -10.88
C ILE B 203 2.67 -23.45 -10.69
N GLN B 204 2.91 -22.56 -11.65
CA GLN B 204 3.93 -21.51 -11.50
C GLN B 204 3.67 -20.65 -10.28
N TRP B 205 2.41 -20.31 -10.07
CA TRP B 205 2.05 -19.50 -8.91
C TRP B 205 2.32 -20.26 -7.61
N ARG B 206 1.90 -21.51 -7.55
CA ARG B 206 2.00 -22.32 -6.34
CA ARG B 206 1.99 -22.28 -6.31
C ARG B 206 3.43 -22.67 -5.99
N ASN B 207 4.28 -22.75 -7.00
CA ASN B 207 5.67 -23.11 -6.78
C ASN B 207 6.55 -21.88 -6.72
N ALA B 208 5.88 -20.74 -6.56
CA ALA B 208 6.56 -19.44 -6.56
C ALA B 208 7.56 -19.36 -7.69
N ASN B 209 7.19 -19.85 -8.87
CA ASN B 209 8.03 -19.70 -10.05
C ASN B 209 8.10 -18.21 -10.40
N PRO B 210 9.33 -17.63 -10.42
CA PRO B 210 9.45 -16.20 -10.66
C PRO B 210 9.08 -15.78 -12.08
N GLN B 211 9.04 -16.73 -13.01
CA GLN B 211 8.62 -16.41 -14.37
C GLN B 211 7.16 -15.96 -14.44
N LEU B 212 6.37 -16.25 -13.40
CA LEU B 212 4.99 -15.74 -13.39
C LEU B 212 4.91 -14.22 -13.31
N ALA B 213 5.53 -13.64 -12.28
CA ALA B 213 5.47 -12.20 -12.09
C ALA B 213 6.21 -11.48 -13.20
N ALA B 214 7.22 -12.15 -13.76
CA ALA B 214 7.99 -11.60 -14.87
C ALA B 214 7.14 -11.54 -16.12
N ASP B 215 6.55 -12.69 -16.46
CA ASP B 215 5.68 -12.80 -17.62
C ASP B 215 4.50 -11.83 -17.53
N TYR B 216 3.97 -11.61 -16.33
CA TYR B 216 2.82 -10.71 -16.20
C TYR B 216 3.23 -9.28 -16.55
N ARG B 217 4.36 -8.84 -16.00
CA ARG B 217 4.79 -7.47 -16.20
C ARG B 217 5.10 -7.19 -17.66
N ALA B 218 5.57 -8.22 -18.36
CA ALA B 218 5.92 -8.10 -19.76
C ALA B 218 4.69 -7.86 -20.64
N ARG B 219 3.54 -8.39 -20.21
CA ARG B 219 2.33 -8.26 -21.02
C ARG B 219 1.33 -7.26 -20.43
N SER B 220 1.75 -6.56 -19.37
CA SER B 220 0.91 -5.56 -18.73
C SER B 220 0.76 -4.33 -19.60
N LEU B 221 -0.48 -3.88 -19.82
CA LEU B 221 -0.75 -2.63 -20.51
C LEU B 221 -0.80 -1.47 -19.52
N THR B 222 -0.81 -1.82 -18.24
CA THR B 222 -0.92 -0.82 -17.17
C THR B 222 0.44 -0.30 -16.69
N ILE B 223 1.36 -1.20 -16.40
CA ILE B 223 2.71 -0.82 -15.98
C ILE B 223 3.39 0.13 -16.96
N GLY B 224 3.85 1.27 -16.46
CA GLY B 224 4.57 2.24 -17.28
C GLY B 224 3.67 3.36 -17.75
N SER B 225 2.36 3.19 -17.55
CA SER B 225 1.38 4.19 -17.97
C SER B 225 0.98 5.12 -16.85
N ARG B 226 0.67 6.38 -17.18
CA ARG B 226 -0.06 7.21 -16.23
C ARG B 226 -1.48 6.66 -16.21
N VAL B 227 -2.02 6.43 -15.01
CA VAL B 227 -3.36 5.82 -14.90
C VAL B 227 -4.20 6.55 -13.89
N ARG B 228 -5.50 6.43 -14.05
CA ARG B 228 -6.48 6.92 -13.10
C ARG B 228 -7.10 5.71 -12.43
N VAL B 229 -6.94 5.60 -11.12
CA VAL B 229 -7.53 4.47 -10.40
C VAL B 229 -8.78 4.97 -9.70
N GLU B 230 -9.93 4.46 -10.10
CA GLU B 230 -11.19 4.90 -9.53
C GLU B 230 -11.49 4.11 -8.27
N LEU B 231 -11.89 4.84 -7.23
CA LEU B 231 -12.15 4.29 -5.90
C LEU B 231 -13.55 4.68 -5.44
N PRO B 232 -14.10 3.96 -4.44
CA PRO B 232 -15.45 4.30 -3.96
C PRO B 232 -15.54 5.72 -3.41
N GLY B 233 -16.76 6.26 -3.41
CA GLY B 233 -16.97 7.61 -2.94
C GLY B 233 -16.75 8.62 -4.06
N GLY B 234 -16.74 8.11 -5.29
CA GLY B 234 -16.52 8.95 -6.46
C GLY B 234 -15.14 9.56 -6.43
N GLN B 235 -14.18 8.82 -5.89
CA GLN B 235 -12.81 9.28 -5.82
C GLN B 235 -11.93 8.67 -6.89
N ASP B 236 -10.79 9.31 -7.13
CA ASP B 236 -9.81 8.77 -8.06
C ASP B 236 -8.40 9.16 -7.62
N VAL B 237 -7.44 8.28 -7.86
CA VAL B 237 -6.05 8.63 -7.62
C VAL B 237 -5.29 8.42 -8.92
N VAL B 238 -4.58 9.47 -9.34
CA VAL B 238 -3.79 9.41 -10.57
C VAL B 238 -2.31 9.25 -10.25
N GLY B 239 -1.63 8.38 -10.99
CA GLY B 239 -0.20 8.21 -10.80
C GLY B 239 0.38 7.40 -11.93
N ILE B 240 1.71 7.22 -11.92
CA ILE B 240 2.33 6.31 -12.89
C ILE B 240 2.36 4.91 -12.31
N ALA B 241 1.82 3.93 -13.04
CA ALA B 241 1.87 2.55 -12.56
C ALA B 241 3.29 2.01 -12.71
N ARG B 242 3.97 1.77 -11.59
CA ARG B 242 5.38 1.43 -11.63
C ARG B 242 5.60 -0.08 -11.50
N ASP B 243 4.74 -0.74 -10.74
CA ASP B 243 4.88 -2.17 -10.52
C ASP B 243 3.66 -2.82 -9.87
N ILE B 244 3.74 -4.13 -9.73
CA ILE B 244 2.79 -4.91 -8.98
C ILE B 244 3.57 -5.53 -7.82
N ASP B 245 3.03 -5.47 -6.59
CA ASP B 245 3.78 -5.95 -5.44
C ASP B 245 3.53 -7.44 -5.22
N ASP B 246 4.14 -8.01 -4.19
CA ASP B 246 4.04 -9.44 -3.96
C ASP B 246 2.63 -9.88 -3.54
N GLN B 247 1.73 -8.92 -3.31
CA GLN B 247 0.35 -9.24 -2.99
C GLN B 247 -0.56 -9.04 -4.20
N GLY B 248 0.06 -8.71 -5.33
CA GLY B 248 -0.69 -8.46 -6.56
C GLY B 248 -1.31 -7.08 -6.61
N ARG B 249 -0.83 -6.17 -5.77
CA ARG B 249 -1.41 -4.82 -5.67
C ARG B 249 -0.67 -3.85 -6.59
N LEU B 250 -1.36 -2.79 -7.02
CA LEU B 250 -0.78 -1.83 -7.96
C LEU B 250 0.03 -0.79 -7.20
N CYS B 251 1.31 -0.67 -7.53
CA CYS B 251 2.17 0.35 -6.94
C CYS B 251 2.22 1.55 -7.86
N LEU B 252 1.69 2.68 -7.39
CA LEU B 252 1.69 3.92 -8.16
C LEU B 252 2.80 4.85 -7.71
N ASP B 253 3.40 5.58 -8.65
CA ASP B 253 4.16 6.76 -8.29
C ASP B 253 3.20 7.96 -8.28
N VAL B 254 2.96 8.51 -7.10
CA VAL B 254 2.11 9.70 -6.96
C VAL B 254 2.95 10.83 -6.42
N GLY B 255 3.26 11.80 -7.27
CA GLY B 255 4.06 12.94 -6.84
C GLY B 255 5.46 12.59 -6.37
N GLY B 256 5.98 11.45 -6.82
CA GLY B 256 7.33 11.06 -6.46
C GLY B 256 7.40 10.06 -5.31
N ARG B 257 6.25 9.68 -4.77
CA ARG B 257 6.23 8.72 -3.67
C ARG B 257 5.22 7.61 -3.95
N THR B 258 5.39 6.48 -3.30
CA THR B 258 4.57 5.30 -3.59
C THR B 258 3.19 5.34 -2.91
N VAL B 259 2.17 5.02 -3.69
CA VAL B 259 0.84 4.72 -3.18
C VAL B 259 0.48 3.36 -3.72
N VAL B 260 -0.03 2.48 -2.86
CA VAL B 260 -0.35 1.11 -3.28
C VAL B 260 -1.86 0.95 -3.23
N VAL B 261 -2.45 0.38 -4.28
CA VAL B 261 -3.89 0.19 -4.30
C VAL B 261 -4.21 -1.29 -4.47
N SER B 262 -5.07 -1.83 -3.60
CA SER B 262 -5.35 -3.27 -3.56
C SER B 262 -6.23 -3.72 -4.74
N ALA B 263 -7.17 -2.85 -5.09
CA ALA B 263 -8.12 -3.12 -6.16
C ALA B 263 -8.78 -1.81 -6.53
N GLY B 264 -9.16 -1.69 -7.79
CA GLY B 264 -9.84 -0.49 -8.25
C GLY B 264 -9.97 -0.63 -9.73
N ASP B 265 -10.72 0.27 -10.34
CA ASP B 265 -10.90 0.27 -11.78
C ASP B 265 -9.90 1.22 -12.38
N VAL B 266 -9.12 0.72 -13.31
CA VAL B 266 -8.07 1.50 -13.95
C VAL B 266 -8.52 2.06 -15.29
N VAL B 267 -8.26 3.35 -15.48
CA VAL B 267 -8.34 3.99 -16.78
C VAL B 267 -6.92 4.38 -17.20
N HIS B 268 -6.45 3.80 -18.30
CA HIS B 268 -5.17 4.20 -18.86
C HIS B 268 -5.26 5.60 -19.46
N LEU B 269 -4.44 6.52 -18.95
CA LEU B 269 -4.48 7.90 -19.41
C LEU B 269 -3.49 8.12 -20.56
N ARG B 270 -3.89 7.64 -21.73
CA ARG B 270 -3.09 7.79 -22.95
C ARG B 270 -3.93 7.38 -24.16
C4 44L C . 4.45 24.78 12.91
N6 44L C . 6.69 25.79 15.58
C5 44L C . 5.52 25.38 13.54
N9 44L C . 4.52 25.08 11.61
C8 44L C . 5.62 25.82 11.39
CBI 44L C . 13.75 19.95 12.12
NAU 44L C . 13.79 20.87 11.00
CBA 44L C . 14.94 21.55 10.94
OAC 44L C . 15.18 22.46 10.15
NAT 44L C . 15.76 21.13 11.90
CBF 44L C . 15.13 20.18 12.78
CAO 44L C . 14.96 20.80 14.18
SAY 44L C . 13.36 21.53 14.13
CBH 44L C . 12.64 20.28 13.13
CAK 44L C . 11.31 20.68 12.51
CAI 44L C . 10.69 19.51 11.75
CAH 44L C . 9.26 19.80 11.30
CAJ 44L C . 8.65 18.68 10.49
CAZ 44L C . 7.20 19.01 10.14
OAB 44L C . 6.35 19.08 11.01
NAV 44L C . 6.90 19.25 8.87
SBK 44L C . 5.36 19.38 8.41
OAD 44L C . 4.57 18.28 8.89
OAE 44L C . 5.30 19.45 6.98
NAW 44L C . 4.75 20.72 9.05
CAN 44L C . 5.19 22.01 8.57
CBE 44L C . 4.12 23.05 8.93
OAX 44L C . 3.93 23.21 10.33
CAL 44L C . 4.46 24.44 8.43
OAL 44L C . 4.14 24.56 7.03
CAM 44L C . 3.59 25.32 9.31
CBG 44L C . 3.54 24.57 10.63
N7 44L C . 6.24 26.03 12.58
N3 44L C . 3.54 24.07 13.61
C2 44L C . 3.69 23.93 14.94
N1 44L C . 4.72 24.50 15.58
C6 44L C . 5.65 25.22 14.91
F1 44L C . 2.32 25.24 8.79
C4 44L D . -18.60 -7.19 -19.63
N6 44L D . -19.25 -10.25 -21.52
C5 44L D . -19.23 -8.36 -20.03
N9 44L D . -19.28 -6.67 -18.61
C8 44L D . -20.31 -7.50 -18.33
CBI 44L D . -16.95 -15.64 -13.58
NAU 44L D . -18.15 -15.05 -12.99
CBA 44L D . -19.11 -15.95 -12.79
OAC 44L D . -20.24 -15.68 -12.39
NAT 44L D . -18.67 -17.18 -13.11
CBF 44L D . -17.34 -17.12 -13.73
CAO 44L D . -17.45 -17.48 -15.19
SAY 44L D . -17.68 -15.94 -16.04
CBH 44L D . -16.63 -15.03 -14.95
CAK 44L D . -16.90 -13.53 -15.07
CAI 44L D . -15.85 -12.75 -14.27
CAH 44L D . -15.87 -11.25 -14.58
CAJ 44L D . -14.91 -10.48 -13.68
CAZ 44L D . -14.86 -9.00 -14.10
OAB 44L D . -14.51 -8.68 -15.22
NAV 44L D . -15.25 -8.10 -13.19
SBK 44L D . -15.18 -6.51 -13.49
OAD 44L D . -13.83 -6.12 -13.82
OAE 44L D . -15.65 -5.83 -12.31
NAW 44L D . -16.13 -6.21 -14.75
CAN 44L D . -17.58 -6.26 -14.62
CBE 44L D . -18.21 -5.34 -15.66
OAX 44L D . -17.83 -5.73 -16.99
CAL 44L D . -19.74 -5.32 -15.68
OAL 44L D . -20.24 -4.51 -14.59
CAM 44L D . -20.02 -4.78 -17.08
CBG 44L D . -18.89 -5.41 -17.91
N7 44L D . -20.29 -8.54 -19.20
N3 44L D . -17.50 -6.76 -20.29
C2 44L D . -17.00 -7.48 -21.30
N1 44L D . -17.58 -8.62 -21.69
C6 44L D . -18.69 -9.09 -21.09
F1 44L D . -19.80 -3.41 -17.07
#